data_4PZV
#
_entry.id   4PZV
#
_cell.length_a   42.945
_cell.length_b   74.434
_cell.length_c   69.758
_cell.angle_alpha   90.000
_cell.angle_beta   93.200
_cell.angle_gamma   90.000
#
_symmetry.space_group_name_H-M   'P 1 21 1'
#
loop_
_entity.id
_entity.type
_entity.pdbx_description
1 polymer '2-amino-4-hydroxy-6-hydroxymethyldihydropteridine pyrophosphokinase/dihydropteroate synthase'
2 non-polymer "5'-{[2-({N-[(2-amino-7,7-dimethyl-4-oxo-3,4,7,8-tetrahydropteridin-6-yl)carbonyl]glycyl}amino)ethyl]sulfonyl}-5'-deoxyadenosine"
3 non-polymer 1,2-ETHANEDIOL
4 water water
#
_entity_poly.entity_id   1
_entity_poly.type   'polypeptide(L)'
_entity_poly.pdbx_seq_one_letter_code
;MQYIIGIGTNIGFTIENIHLAITALESQQNIRIIRKASLYSSKAVLKEDAPKEWDIRFLNTAVKISSSLKPDELLVLLKD
IELKIGRDLNAPAWSPRVIDLDILAAEDLILETDKLTIPHKELINRSFALAPLLELSKGWHHPKYVEWDLNIRLKELGEI
VKLKQTLANTIRMGIVNLSNQSFSDGNFDDNQRKLNLDELIQSGAEIIDIGAESTKPDAKPISIEEEFNKLDEFLEYFKS
QLANLIYKPLVSIDTRKLEVMQKILAKHHDIIWMINDVECNNIEQKAQLIAKYNKKYVIIHNLGITDRNQYLDKENAIDN
VCDYIEQKKQILLKHGIAQQNIYFDIGFGFGKKSDTARYLLENIIEIKRRLELKALVGHSRKPSVLGLAKDSNLATLDRA
TRELSRKLEKLDIDIIRVHKI
;
_entity_poly.pdbx_strand_id   A
#
# COMPACT_ATOMS: atom_id res chain seq x y z
N MET A 1 -13.08 -29.10 -3.94
N MET A 1 -12.89 -28.83 -1.34
CA MET A 1 -12.86 -28.46 -2.62
CA MET A 1 -13.07 -28.26 -2.71
C MET A 1 -11.96 -27.23 -2.74
C MET A 1 -12.13 -27.07 -2.89
N GLN A 2 -11.17 -27.18 -3.81
CA GLN A 2 -10.26 -26.07 -4.08
C GLN A 2 -10.78 -25.20 -5.20
N TYR A 3 -10.51 -23.90 -5.10
CA TYR A 3 -10.93 -22.90 -6.08
C TYR A 3 -9.82 -21.90 -6.30
N ILE A 4 -9.79 -21.31 -7.49
CA ILE A 4 -9.02 -20.10 -7.71
C ILE A 4 -9.99 -18.95 -7.85
N ILE A 5 -9.78 -17.91 -7.05
CA ILE A 5 -10.63 -16.74 -7.02
C ILE A 5 -9.91 -15.57 -7.69
N GLY A 6 -10.44 -15.05 -8.79
CA GLY A 6 -9.83 -13.92 -9.47
C GLY A 6 -10.23 -12.63 -8.76
N ILE A 7 -9.28 -11.70 -8.62
CA ILE A 7 -9.57 -10.41 -7.99
C ILE A 7 -9.05 -9.25 -8.81
N GLY A 8 -9.92 -8.29 -9.05
CA GLY A 8 -9.61 -7.14 -9.87
C GLY A 8 -10.15 -5.87 -9.23
N THR A 9 -9.51 -4.75 -9.56
CA THR A 9 -9.95 -3.43 -9.11
C THR A 9 -9.30 -2.37 -9.99
N ASN A 10 -10.02 -1.29 -10.27
CA ASN A 10 -9.39 -0.15 -10.92
C ASN A 10 -9.86 1.22 -10.39
N ILE A 11 -10.49 1.23 -9.21
CA ILE A 11 -11.03 2.45 -8.57
C ILE A 11 -10.70 2.48 -7.07
N GLY A 12 -10.60 3.68 -6.49
CA GLY A 12 -10.26 3.79 -5.09
C GLY A 12 -8.80 3.41 -4.81
N PHE A 13 -8.52 3.02 -3.57
CA PHE A 13 -7.18 2.63 -3.16
C PHE A 13 -6.96 1.16 -3.52
N THR A 14 -6.29 0.93 -4.64
CA THR A 14 -6.36 -0.37 -5.31
C THR A 14 -5.77 -1.53 -4.50
N ILE A 15 -4.59 -1.37 -3.92
CA ILE A 15 -3.99 -2.50 -3.20
C ILE A 15 -4.81 -2.77 -1.93
N GLU A 16 -5.49 -1.74 -1.46
CA GLU A 16 -6.29 -1.85 -0.24
C GLU A 16 -7.54 -2.65 -0.52
N ASN A 17 -8.21 -2.32 -1.63
CA ASN A 17 -9.37 -3.07 -2.10
C ASN A 17 -9.05 -4.55 -2.25
N ILE A 18 -7.92 -4.85 -2.86
N ILE A 18 -7.92 -4.86 -2.84
CA ILE A 18 -7.49 -6.23 -2.99
CA ILE A 18 -7.53 -6.25 -2.99
C ILE A 18 -7.39 -6.86 -1.61
C ILE A 18 -7.36 -6.88 -1.62
N HIS A 19 -6.64 -6.22 -0.73
CA HIS A 19 -6.44 -6.74 0.60
C HIS A 19 -7.78 -6.95 1.30
N LEU A 20 -8.69 -6.00 1.18
CA LEU A 20 -9.98 -6.16 1.85
C LEU A 20 -10.69 -7.42 1.37
N ALA A 21 -10.65 -7.68 0.06
CA ALA A 21 -11.27 -8.87 -0.48
C ALA A 21 -10.70 -10.14 0.16
N ILE A 22 -9.37 -10.21 0.19
CA ILE A 22 -8.68 -11.39 0.70
C ILE A 22 -8.97 -11.60 2.19
N THR A 23 -9.00 -10.50 2.94
CA THR A 23 -9.31 -10.55 4.36
C THR A 23 -10.74 -11.03 4.59
N ALA A 24 -11.67 -10.52 3.79
CA ALA A 24 -13.06 -10.96 3.85
C ALA A 24 -13.20 -12.46 3.62
N LEU A 25 -12.39 -13.02 2.71
CA LEU A 25 -12.43 -14.45 2.46
C LEU A 25 -11.80 -15.20 3.64
N GLU A 26 -10.63 -14.74 4.06
CA GLU A 26 -9.89 -15.38 5.15
C GLU A 26 -10.70 -15.35 6.44
N SER A 27 -11.64 -14.42 6.56
CA SER A 27 -12.42 -14.33 7.79
C SER A 27 -13.44 -15.47 7.94
N GLN A 28 -13.72 -16.17 6.85
CA GLN A 28 -14.70 -17.25 6.85
C GLN A 28 -14.10 -18.53 7.40
N GLN A 29 -14.82 -19.15 8.34
CA GLN A 29 -14.38 -20.40 8.96
C GLN A 29 -14.43 -21.55 7.97
N ASN A 30 -15.20 -21.42 6.89
CA ASN A 30 -15.30 -22.51 5.91
C ASN A 30 -14.45 -22.28 4.67
N ILE A 31 -13.49 -21.39 4.80
CA ILE A 31 -12.55 -21.10 3.73
C ILE A 31 -11.15 -21.18 4.30
N ARG A 32 -10.25 -21.83 3.57
CA ARG A 32 -8.84 -21.78 3.91
C ARG A 32 -8.05 -21.17 2.74
N ILE A 33 -7.28 -20.13 3.04
CA ILE A 33 -6.40 -19.54 2.06
C ILE A 33 -5.15 -20.38 1.90
N ILE A 34 -4.95 -20.92 0.70
CA ILE A 34 -3.78 -21.76 0.45
C ILE A 34 -2.60 -20.93 -0.06
N ARG A 35 -2.87 -20.04 -1.02
N ARG A 35 -2.86 -20.05 -1.02
CA ARG A 35 -1.80 -19.20 -1.55
CA ARG A 35 -1.81 -19.21 -1.59
C ARG A 35 -2.36 -17.96 -2.22
C ARG A 35 -2.34 -17.97 -2.27
N LYS A 36 -1.59 -16.88 -2.14
CA LYS A 36 -1.90 -15.63 -2.81
C LYS A 36 -0.95 -15.46 -3.99
N ALA A 37 -1.44 -14.94 -5.10
CA ALA A 37 -0.58 -14.69 -6.25
C ALA A 37 0.14 -13.36 -6.18
N SER A 38 1.02 -13.13 -7.15
CA SER A 38 1.63 -11.83 -7.33
C SER A 38 0.57 -10.81 -7.77
N LEU A 39 0.98 -9.56 -7.89
CA LEU A 39 0.11 -8.50 -8.35
C LEU A 39 0.42 -8.17 -9.81
N TYR A 40 -0.64 -8.07 -10.60
CA TYR A 40 -0.54 -7.85 -12.05
C TYR A 40 -1.26 -6.58 -12.50
N SER A 41 -0.67 -5.89 -13.46
CA SER A 41 -1.17 -4.62 -13.91
C SER A 41 -1.50 -4.69 -15.40
N SER A 42 -2.64 -4.18 -15.81
CA SER A 42 -3.03 -4.23 -17.22
C SER A 42 -4.00 -3.11 -17.56
N LYS A 43 -4.04 -2.76 -18.83
CA LYS A 43 -5.05 -1.82 -19.31
C LYS A 43 -6.44 -2.43 -19.20
N ALA A 44 -7.40 -1.60 -18.79
CA ALA A 44 -8.79 -1.99 -18.79
C ALA A 44 -9.11 -2.62 -20.14
N VAL A 45 -9.66 -3.81 -20.10
CA VAL A 45 -10.23 -4.43 -21.30
C VAL A 45 -11.64 -3.89 -21.47
N LEU A 46 -11.83 -3.14 -22.55
CA LEU A 46 -13.08 -2.43 -22.78
C LEU A 46 -13.66 -2.76 -24.14
N LYS A 47 -14.96 -2.54 -24.25
CA LYS A 47 -15.62 -2.57 -25.55
C LYS A 47 -15.07 -1.40 -26.33
N GLU A 48 -15.27 -1.39 -27.64
N GLU A 48 -15.29 -1.42 -27.64
CA GLU A 48 -14.52 -0.48 -28.52
CA GLU A 48 -14.55 -0.53 -28.53
C GLU A 48 -14.93 0.98 -28.45
C GLU A 48 -14.94 0.95 -28.41
N ASP A 49 -16.19 1.23 -28.09
CA ASP A 49 -16.62 2.60 -27.88
C ASP A 49 -17.26 2.70 -26.49
N ALA A 50 -16.40 2.58 -25.47
CA ALA A 50 -16.75 2.83 -24.09
C ALA A 50 -16.17 4.18 -23.74
N PRO A 51 -16.82 4.92 -22.82
CA PRO A 51 -16.30 6.24 -22.45
C PRO A 51 -14.88 6.18 -21.92
N LYS A 52 -14.03 7.11 -22.34
CA LYS A 52 -12.65 7.14 -21.89
C LYS A 52 -12.56 7.18 -20.36
N GLU A 53 -13.68 7.52 -19.72
CA GLU A 53 -13.76 7.56 -18.26
C GLU A 53 -13.59 6.17 -17.66
N TRP A 54 -13.80 5.14 -18.49
CA TRP A 54 -13.67 3.77 -18.03
C TRP A 54 -12.27 3.21 -18.27
N ASP A 55 -11.42 4.00 -18.91
CA ASP A 55 -10.09 3.54 -19.26
C ASP A 55 -9.10 3.83 -18.13
N ILE A 56 -9.17 3.00 -17.10
CA ILE A 56 -8.33 3.15 -15.91
C ILE A 56 -7.61 1.82 -15.64
N ARG A 57 -6.30 1.90 -15.42
CA ARG A 57 -5.46 0.72 -15.31
C ARG A 57 -5.98 -0.18 -14.17
N PHE A 58 -5.88 -1.49 -14.38
CA PHE A 58 -6.35 -2.47 -13.39
C PHE A 58 -5.21 -3.00 -12.56
N LEU A 59 -5.55 -3.40 -11.33
CA LEU A 59 -4.68 -4.21 -10.50
C LEU A 59 -5.43 -5.53 -10.39
N ASN A 60 -4.74 -6.63 -10.69
CA ASN A 60 -5.36 -7.97 -10.64
C ASN A 60 -4.50 -8.96 -9.88
N THR A 61 -5.14 -9.95 -9.25
CA THR A 61 -4.48 -11.07 -8.64
C THR A 61 -5.47 -12.24 -8.62
N ALA A 62 -5.09 -13.30 -7.90
CA ALA A 62 -5.99 -14.40 -7.62
C ALA A 62 -5.49 -15.03 -6.35
N VAL A 63 -6.36 -15.74 -5.66
CA VAL A 63 -5.98 -16.51 -4.48
C VAL A 63 -6.47 -17.92 -4.63
N LYS A 64 -5.69 -18.88 -4.18
CA LYS A 64 -6.15 -20.27 -4.13
C LYS A 64 -6.68 -20.61 -2.74
N ILE A 65 -7.86 -21.22 -2.70
N ILE A 65 -7.84 -21.23 -2.69
CA ILE A 65 -8.52 -21.55 -1.43
CA ILE A 65 -8.48 -21.56 -1.41
C ILE A 65 -9.05 -22.98 -1.42
C ILE A 65 -9.13 -22.93 -1.42
N SER A 66 -9.24 -23.49 -0.21
N SER A 66 -9.25 -23.52 -0.24
CA SER A 66 -10.03 -24.71 0.02
CA SER A 66 -10.06 -24.73 -0.05
C SER A 66 -11.30 -24.26 0.72
C SER A 66 -11.27 -24.33 0.77
N SER A 67 -12.42 -24.93 0.47
CA SER A 67 -13.69 -24.55 1.10
C SER A 67 -14.69 -25.69 1.07
N SER A 68 -15.63 -25.64 2.01
CA SER A 68 -16.78 -26.53 2.01
C SER A 68 -17.96 -25.90 1.25
N LEU A 69 -17.82 -24.63 0.88
CA LEU A 69 -18.80 -23.96 0.05
C LEU A 69 -18.83 -24.57 -1.35
N LYS A 70 -20.01 -25.00 -1.76
CA LYS A 70 -20.25 -25.46 -3.12
C LYS A 70 -20.25 -24.26 -4.07
N PRO A 71 -20.06 -24.50 -5.37
CA PRO A 71 -19.78 -23.39 -6.27
C PRO A 71 -20.80 -22.27 -6.22
N ASP A 72 -22.08 -22.64 -6.20
N ASP A 72 -22.08 -22.64 -6.22
CA ASP A 72 -23.15 -21.67 -6.20
CA ASP A 72 -23.16 -21.67 -6.20
C ASP A 72 -23.17 -20.87 -4.91
C ASP A 72 -23.17 -20.87 -4.90
N GLU A 73 -22.79 -21.53 -3.82
CA GLU A 73 -22.79 -20.92 -2.50
C GLU A 73 -21.64 -19.93 -2.40
N LEU A 74 -20.49 -20.37 -2.90
CA LEU A 74 -19.30 -19.54 -2.94
C LEU A 74 -19.56 -18.28 -3.77
N LEU A 75 -20.34 -18.41 -4.85
CA LEU A 75 -20.65 -17.25 -5.69
C LEU A 75 -21.45 -16.23 -4.90
N VAL A 76 -22.44 -16.70 -4.15
CA VAL A 76 -23.20 -15.82 -3.25
C VAL A 76 -22.22 -15.07 -2.33
N LEU A 77 -21.33 -15.79 -1.67
CA LEU A 77 -20.34 -15.15 -0.81
C LEU A 77 -19.61 -14.04 -1.56
N LEU A 78 -19.12 -14.36 -2.75
CA LEU A 78 -18.28 -13.39 -3.47
C LEU A 78 -19.05 -12.11 -3.70
N LYS A 79 -20.31 -12.23 -4.10
CA LYS A 79 -21.16 -11.06 -4.31
C LYS A 79 -21.35 -10.28 -3.01
N ASP A 80 -21.57 -11.02 -1.92
CA ASP A 80 -21.76 -10.38 -0.61
C ASP A 80 -20.53 -9.55 -0.24
N ILE A 81 -19.36 -10.09 -0.55
CA ILE A 81 -18.10 -9.38 -0.27
C ILE A 81 -17.90 -8.16 -1.18
N GLU A 82 -18.27 -8.28 -2.45
CA GLU A 82 -18.15 -7.15 -3.37
C GLU A 82 -19.04 -6.01 -2.85
N LEU A 83 -20.22 -6.39 -2.38
CA LEU A 83 -21.18 -5.42 -1.88
C LEU A 83 -20.61 -4.67 -0.70
N LYS A 84 -20.24 -5.41 0.34
CA LYS A 84 -19.67 -4.83 1.56
C LYS A 84 -18.46 -3.92 1.29
N ILE A 85 -17.62 -4.30 0.33
CA ILE A 85 -16.48 -3.47 -0.01
C ILE A 85 -16.91 -2.21 -0.75
N GLY A 86 -18.07 -2.27 -1.41
CA GLY A 86 -18.70 -1.07 -1.93
C GLY A 86 -18.96 -1.03 -3.42
N ARG A 87 -19.04 -2.19 -4.06
CA ARG A 87 -19.29 -2.23 -5.49
C ARG A 87 -20.77 -2.05 -5.76
N ASP A 88 -21.12 -1.38 -6.85
CA ASP A 88 -22.51 -1.32 -7.29
C ASP A 88 -22.73 -2.37 -8.37
N LEU A 89 -23.36 -3.48 -8.00
CA LEU A 89 -23.46 -4.63 -8.92
C LEU A 89 -24.57 -4.48 -9.96
N ASN A 90 -25.22 -3.34 -9.99
CA ASN A 90 -26.13 -2.99 -11.09
C ASN A 90 -25.51 -1.91 -11.98
N ALA A 91 -24.25 -1.57 -11.71
CA ALA A 91 -23.57 -0.55 -12.49
C ALA A 91 -23.34 -1.04 -13.91
N PRO A 92 -23.13 -0.12 -14.86
CA PRO A 92 -22.94 -0.59 -16.24
C PRO A 92 -21.81 -1.61 -16.33
N ALA A 93 -21.97 -2.60 -17.21
CA ALA A 93 -20.92 -3.57 -17.43
C ALA A 93 -19.72 -2.86 -18.06
N TRP A 94 -18.52 -3.41 -17.84
CA TRP A 94 -17.29 -2.81 -18.33
C TRP A 94 -16.86 -1.55 -17.57
N SER A 95 -17.71 -1.01 -16.71
CA SER A 95 -17.38 0.22 -16.00
C SER A 95 -16.41 -0.03 -14.86
N PRO A 96 -15.76 1.03 -14.36
CA PRO A 96 -14.80 0.89 -13.26
C PRO A 96 -15.46 0.34 -12.01
N ARG A 97 -14.68 -0.34 -11.16
CA ARG A 97 -15.24 -1.01 -9.98
C ARG A 97 -14.23 -1.09 -8.88
N VAL A 98 -14.71 -0.93 -7.65
CA VAL A 98 -13.82 -0.92 -6.51
C VAL A 98 -13.26 -2.32 -6.26
N ILE A 99 -14.06 -3.34 -6.53
CA ILE A 99 -13.63 -4.74 -6.41
C ILE A 99 -14.45 -5.65 -7.31
N ASP A 100 -13.83 -6.73 -7.76
N ASP A 100 -13.82 -6.71 -7.78
CA ASP A 100 -14.50 -7.70 -8.60
CA ASP A 100 -14.50 -7.70 -8.59
C ASP A 100 -13.92 -9.06 -8.25
C ASP A 100 -13.91 -9.06 -8.21
N LEU A 101 -14.79 -10.01 -7.91
CA LEU A 101 -14.37 -11.34 -7.49
C LEU A 101 -15.08 -12.39 -8.33
N ASP A 102 -14.33 -13.29 -8.93
N ASP A 102 -14.31 -13.28 -8.92
CA ASP A 102 -14.95 -14.36 -9.68
CA ASP A 102 -14.85 -14.32 -9.78
C ASP A 102 -14.26 -15.69 -9.44
C ASP A 102 -14.25 -15.68 -9.43
N ILE A 103 -14.95 -16.76 -9.79
CA ILE A 103 -14.40 -18.10 -9.67
C ILE A 103 -13.73 -18.42 -11.00
N LEU A 104 -12.40 -18.44 -11.02
CA LEU A 104 -11.69 -18.73 -12.25
C LEU A 104 -11.65 -20.22 -12.59
N ALA A 105 -11.41 -21.03 -11.57
CA ALA A 105 -11.35 -22.48 -11.76
C ALA A 105 -11.71 -23.17 -10.46
N ALA A 106 -12.13 -24.42 -10.56
CA ALA A 106 -12.32 -25.27 -9.38
C ALA A 106 -11.77 -26.66 -9.72
N GLU A 107 -10.45 -26.79 -9.60
CA GLU A 107 -9.72 -27.97 -10.05
C GLU A 107 -10.07 -28.33 -11.49
N ASP A 108 -10.55 -29.55 -11.73
CA ASP A 108 -10.95 -29.92 -13.10
C ASP A 108 -12.47 -29.88 -13.27
N LEU A 109 -13.15 -29.20 -12.35
CA LEU A 109 -14.59 -29.05 -12.50
C LEU A 109 -14.96 -28.32 -13.80
N ILE A 110 -16.00 -28.85 -14.47
CA ILE A 110 -16.66 -28.14 -15.55
C ILE A 110 -18.11 -27.91 -15.14
N LEU A 111 -18.51 -26.65 -15.04
CA LEU A 111 -19.88 -26.30 -14.68
C LEU A 111 -20.38 -25.28 -15.67
N GLU A 112 -21.55 -25.54 -16.25
CA GLU A 112 -22.08 -24.68 -17.29
C GLU A 112 -23.56 -24.38 -17.09
N THR A 113 -23.82 -23.33 -16.34
CA THR A 113 -25.16 -22.80 -16.11
C THR A 113 -25.19 -21.34 -16.49
N ASP A 114 -26.39 -20.79 -16.70
CA ASP A 114 -26.54 -19.40 -17.08
C ASP A 114 -25.94 -18.50 -16.03
N LYS A 115 -26.09 -18.87 -14.78
CA LYS A 115 -25.71 -18.02 -13.67
C LYS A 115 -24.22 -18.16 -13.31
N LEU A 116 -23.67 -19.33 -13.60
CA LEU A 116 -22.29 -19.64 -13.22
C LEU A 116 -21.65 -20.59 -14.23
N THR A 117 -20.50 -20.20 -14.77
CA THR A 117 -19.74 -21.06 -15.66
C THR A 117 -18.31 -21.17 -15.14
N ILE A 118 -17.86 -22.41 -14.96
CA ILE A 118 -16.53 -22.70 -14.46
C ILE A 118 -15.88 -23.78 -15.32
N PRO A 119 -14.63 -23.55 -15.76
CA PRO A 119 -13.88 -22.32 -15.49
C PRO A 119 -14.58 -21.11 -16.10
N HIS A 120 -14.22 -19.92 -15.61
CA HIS A 120 -14.79 -18.69 -16.10
C HIS A 120 -14.60 -18.62 -17.61
N LYS A 121 -15.66 -18.18 -18.28
CA LYS A 121 -15.74 -18.25 -19.74
C LYS A 121 -14.53 -17.65 -20.45
N GLU A 122 -13.99 -16.58 -19.86
CA GLU A 122 -12.97 -15.76 -20.51
C GLU A 122 -11.57 -16.01 -19.97
N LEU A 123 -11.45 -16.97 -19.05
CA LEU A 123 -10.17 -17.26 -18.44
C LEU A 123 -9.08 -17.34 -19.49
N ILE A 124 -9.32 -18.14 -20.55
CA ILE A 124 -8.26 -18.38 -21.56
C ILE A 124 -8.11 -17.24 -22.57
N ASN A 125 -8.91 -16.18 -22.42
CA ASN A 125 -8.77 -14.96 -23.21
C ASN A 125 -8.28 -13.75 -22.39
N ARG A 126 -7.99 -13.94 -21.11
CA ARG A 126 -7.63 -12.81 -20.25
C ARG A 126 -6.33 -13.06 -19.46
N SER A 127 -5.28 -12.35 -19.87
CA SER A 127 -3.96 -12.51 -19.26
C SER A 127 -3.97 -12.16 -17.76
N PHE A 128 -4.80 -11.19 -17.36
CA PHE A 128 -4.81 -10.74 -15.97
C PHE A 128 -5.44 -11.77 -15.04
N ALA A 129 -6.11 -12.76 -15.64
CA ALA A 129 -6.69 -13.86 -14.88
C ALA A 129 -5.83 -15.13 -15.04
N LEU A 130 -5.45 -15.43 -16.27
CA LEU A 130 -4.68 -16.65 -16.51
C LEU A 130 -3.28 -16.56 -15.86
N ALA A 131 -2.63 -15.39 -15.89
CA ALA A 131 -1.33 -15.26 -15.27
C ALA A 131 -1.35 -15.63 -13.78
N PRO A 132 -2.08 -14.87 -12.94
CA PRO A 132 -2.10 -15.27 -11.53
C PRO A 132 -2.54 -16.74 -11.33
N LEU A 133 -3.45 -17.23 -12.16
CA LEU A 133 -3.94 -18.60 -11.98
C LEU A 133 -2.81 -19.58 -12.19
N LEU A 134 -2.05 -19.39 -13.27
CA LEU A 134 -0.92 -20.27 -13.60
C LEU A 134 0.19 -20.15 -12.56
N GLU A 135 0.28 -18.98 -11.93
CA GLU A 135 1.28 -18.79 -10.89
C GLU A 135 0.94 -19.69 -9.73
N LEU A 136 -0.35 -19.79 -9.44
CA LEU A 136 -0.85 -20.59 -8.31
C LEU A 136 -0.93 -22.10 -8.59
N SER A 137 -1.29 -22.46 -9.82
CA SER A 137 -1.40 -23.88 -10.19
C SER A 137 -0.57 -24.13 -11.42
N LYS A 138 0.69 -24.48 -11.20
CA LYS A 138 1.70 -24.56 -12.25
C LYS A 138 1.29 -25.48 -13.41
N GLY A 139 0.73 -26.65 -13.13
CA GLY A 139 0.47 -27.60 -14.21
C GLY A 139 -0.96 -27.64 -14.73
N TRP A 140 -1.69 -26.55 -14.57
CA TRP A 140 -3.14 -26.59 -14.76
C TRP A 140 -3.60 -26.40 -16.21
N HIS A 141 -4.51 -27.28 -16.64
CA HIS A 141 -5.14 -27.20 -17.96
C HIS A 141 -6.62 -26.90 -17.76
N HIS A 142 -7.22 -26.17 -18.68
CA HIS A 142 -8.66 -26.05 -18.70
C HIS A 142 -9.18 -27.48 -18.94
N PRO A 143 -10.07 -27.96 -18.08
CA PRO A 143 -10.55 -29.33 -18.20
C PRO A 143 -11.27 -29.66 -19.53
N LYS A 144 -11.67 -28.67 -20.29
CA LYS A 144 -12.29 -28.94 -21.58
C LYS A 144 -11.21 -29.08 -22.64
N TYR A 145 -10.05 -28.50 -22.36
CA TYR A 145 -8.98 -28.38 -23.33
C TYR A 145 -7.66 -28.86 -22.77
N VAL A 146 -7.64 -30.10 -22.30
CA VAL A 146 -6.48 -30.66 -21.62
C VAL A 146 -5.24 -30.69 -22.52
N GLU A 147 -5.44 -30.55 -23.83
CA GLU A 147 -4.33 -30.55 -24.78
C GLU A 147 -3.65 -29.20 -24.89
N TRP A 148 -4.27 -28.17 -24.33
CA TRP A 148 -3.84 -26.79 -24.52
C TRP A 148 -2.81 -26.40 -23.47
N ASP A 149 -1.59 -26.12 -23.92
CA ASP A 149 -0.54 -25.67 -23.03
C ASP A 149 -0.79 -24.19 -22.73
N LEU A 150 -1.35 -23.90 -21.56
CA LEU A 150 -1.75 -22.53 -21.24
C LEU A 150 -0.57 -21.57 -21.01
N ASN A 151 0.63 -22.11 -20.80
CA ASN A 151 1.81 -21.27 -20.67
C ASN A 151 2.05 -20.54 -21.99
N ILE A 152 1.93 -21.28 -23.09
CA ILE A 152 2.04 -20.70 -24.42
C ILE A 152 0.87 -19.77 -24.70
N ARG A 153 -0.32 -20.15 -24.26
CA ARG A 153 -1.51 -19.32 -24.48
C ARG A 153 -1.33 -17.97 -23.81
N LEU A 154 -0.87 -17.97 -22.56
CA LEU A 154 -0.63 -16.74 -21.82
C LEU A 154 0.33 -15.84 -22.60
N LYS A 155 1.37 -16.45 -23.15
CA LYS A 155 2.32 -15.70 -23.97
C LYS A 155 1.63 -15.06 -25.18
N GLU A 156 0.68 -15.77 -25.78
CA GLU A 156 -0.05 -15.25 -26.92
C GLU A 156 -0.87 -14.02 -26.51
N LEU A 157 -1.43 -14.06 -25.31
CA LEU A 157 -2.29 -12.98 -24.83
C LEU A 157 -1.50 -11.69 -24.54
N GLY A 158 -0.25 -11.84 -24.07
CA GLY A 158 0.56 -10.70 -23.64
C GLY A 158 -0.18 -9.62 -22.85
N GLU A 159 0.31 -8.39 -22.97
CA GLU A 159 -0.29 -7.21 -22.33
C GLU A 159 -0.52 -7.34 -20.83
N ILE A 160 0.50 -7.79 -20.11
CA ILE A 160 0.39 -7.84 -18.66
C ILE A 160 1.75 -7.64 -18.00
N VAL A 161 1.76 -6.77 -16.99
CA VAL A 161 2.98 -6.50 -16.25
C VAL A 161 2.85 -7.13 -14.89
N LYS A 162 3.87 -7.89 -14.51
CA LYS A 162 3.91 -8.46 -13.19
C LYS A 162 4.60 -7.44 -12.32
N LEU A 163 3.84 -6.87 -11.40
CA LEU A 163 4.35 -5.80 -10.55
C LEU A 163 5.33 -6.33 -9.52
N LYS A 164 6.16 -5.42 -9.01
CA LYS A 164 7.03 -5.71 -7.89
C LYS A 164 6.39 -5.32 -6.55
N GLN A 165 5.32 -4.52 -6.60
CA GLN A 165 4.43 -4.41 -5.44
C GLN A 165 3.97 -5.84 -5.06
N THR A 166 3.72 -6.09 -3.78
CA THR A 166 3.28 -7.41 -3.38
C THR A 166 2.11 -7.29 -2.41
N LEU A 167 1.55 -8.45 -2.07
CA LEU A 167 0.51 -8.53 -1.04
C LEU A 167 1.10 -8.92 0.31
N ALA A 168 2.37 -8.65 0.52
CA ALA A 168 3.03 -9.09 1.74
C ALA A 168 2.60 -8.25 2.94
N ASN A 169 2.87 -8.75 4.13
CA ASN A 169 2.56 -8.02 5.37
C ASN A 169 3.26 -6.67 5.44
N THR A 170 4.45 -6.59 4.85
CA THR A 170 5.24 -5.36 4.88
C THR A 170 5.09 -4.60 3.57
N ILE A 171 4.64 -3.36 3.65
CA ILE A 171 4.62 -2.52 2.47
C ILE A 171 5.73 -1.49 2.53
N ARG A 172 6.22 -1.13 1.34
CA ARG A 172 7.32 -0.18 1.23
C ARG A 172 6.76 1.19 0.89
N MET A 173 7.15 2.18 1.69
CA MET A 173 6.74 3.56 1.51
C MET A 173 7.91 4.32 0.88
N GLY A 174 7.79 4.63 -0.40
CA GLY A 174 8.82 5.36 -1.12
C GLY A 174 8.80 6.85 -0.88
N ILE A 175 9.98 7.42 -0.72
CA ILE A 175 10.14 8.79 -0.26
C ILE A 175 10.16 9.73 -1.45
N VAL A 176 9.22 10.66 -1.45
CA VAL A 176 9.14 11.67 -2.48
C VAL A 176 9.32 13.02 -1.81
N ASN A 177 10.56 13.43 -1.71
CA ASN A 177 10.90 14.68 -1.09
C ASN A 177 10.92 15.79 -2.12
N LEU A 178 9.94 16.68 -2.07
CA LEU A 178 9.83 17.78 -3.02
C LEU A 178 10.61 19.04 -2.65
N SER A 179 11.49 18.98 -1.65
CA SER A 179 12.23 20.17 -1.22
C SER A 179 13.58 20.28 -1.92
N SER A 184 16.90 20.51 -8.87
CA SER A 184 17.69 19.88 -9.93
C SER A 184 17.09 20.24 -11.29
N ASP A 185 16.30 21.32 -11.29
N ASP A 185 16.30 21.32 -11.29
CA ASP A 185 15.66 21.83 -12.49
CA ASP A 185 15.65 21.79 -12.50
C ASP A 185 16.70 22.35 -13.49
C ASP A 185 16.68 22.34 -13.48
N GLY A 186 16.32 22.34 -14.76
CA GLY A 186 17.20 22.81 -15.81
C GLY A 186 16.47 23.86 -16.59
N ASN A 187 17.17 24.43 -17.58
CA ASN A 187 16.69 25.59 -18.33
C ASN A 187 15.26 25.44 -18.80
N PHE A 188 14.85 24.22 -19.08
CA PHE A 188 13.53 24.03 -19.67
C PHE A 188 12.89 22.72 -19.18
N ASP A 189 13.19 22.32 -17.94
CA ASP A 189 12.87 20.96 -17.49
C ASP A 189 12.97 20.79 -15.97
N ASP A 190 11.95 20.18 -15.38
CA ASP A 190 11.86 20.09 -13.93
C ASP A 190 11.09 18.84 -13.53
N ASN A 191 11.25 17.77 -14.31
CA ASN A 191 10.44 16.57 -14.12
C ASN A 191 11.21 15.50 -13.35
N GLN A 192 12.25 15.90 -12.63
CA GLN A 192 13.05 14.93 -11.89
C GLN A 192 12.21 14.31 -10.79
N ARG A 193 11.27 15.10 -10.25
CA ARG A 193 10.38 14.60 -9.21
C ARG A 193 9.46 13.55 -9.83
N LYS A 194 9.25 13.67 -11.14
N LYS A 194 9.20 13.69 -11.14
CA LYS A 194 8.37 12.78 -11.88
CA LYS A 194 8.37 12.73 -11.86
C LYS A 194 9.10 11.55 -12.42
C LYS A 194 9.16 11.49 -12.23
N LEU A 195 10.41 11.68 -12.62
CA LEU A 195 11.23 10.57 -13.03
C LEU A 195 11.46 9.67 -11.83
N ASN A 196 11.62 10.27 -10.64
CA ASN A 196 11.80 9.48 -9.42
C ASN A 196 10.51 8.81 -8.96
N LEU A 197 9.36 9.39 -9.32
CA LEU A 197 8.08 8.77 -9.02
C LEU A 197 7.96 7.46 -9.77
N ASP A 198 8.44 7.44 -11.01
CA ASP A 198 8.36 6.24 -11.82
C ASP A 198 9.29 5.19 -11.25
N GLU A 199 10.50 5.61 -10.89
N GLU A 199 10.49 5.61 -10.89
CA GLU A 199 11.49 4.70 -10.35
CA GLU A 199 11.49 4.68 -10.35
C GLU A 199 10.90 3.96 -9.15
C GLU A 199 10.88 3.95 -9.16
N LEU A 200 10.22 4.69 -8.28
CA LEU A 200 9.59 4.09 -7.11
C LEU A 200 8.50 3.08 -7.50
N ILE A 201 7.57 3.51 -8.34
CA ILE A 201 6.49 2.63 -8.76
C ILE A 201 7.02 1.37 -9.43
N GLN A 202 7.96 1.56 -10.35
CA GLN A 202 8.56 0.45 -11.08
C GLN A 202 9.23 -0.53 -10.11
N SER A 203 9.95 -0.01 -9.12
CA SER A 203 10.71 -0.89 -8.22
C SER A 203 9.83 -1.56 -7.20
N GLY A 204 8.59 -1.10 -7.07
CA GLY A 204 7.64 -1.79 -6.23
C GLY A 204 7.10 -1.10 -5.00
N ALA A 205 7.20 0.23 -4.93
CA ALA A 205 6.64 0.94 -3.80
C ALA A 205 5.12 0.78 -3.80
N GLU A 206 4.59 0.20 -2.73
CA GLU A 206 3.13 0.13 -2.51
C GLU A 206 2.53 1.48 -2.10
N ILE A 207 3.29 2.26 -1.34
CA ILE A 207 2.91 3.60 -0.87
C ILE A 207 3.96 4.62 -1.29
N ILE A 208 3.57 5.89 -1.46
CA ILE A 208 4.54 6.98 -1.57
C ILE A 208 4.32 8.05 -0.49
N ASP A 209 5.42 8.56 0.08
CA ASP A 209 5.32 9.54 1.15
C ASP A 209 5.80 10.89 0.60
N ILE A 210 4.87 11.82 0.41
CA ILE A 210 5.20 13.08 -0.22
C ILE A 210 5.39 14.15 0.84
N GLY A 211 6.55 14.77 0.85
CA GLY A 211 6.82 15.84 1.80
C GLY A 211 7.61 16.98 1.20
N ALA A 212 7.38 18.19 1.68
CA ALA A 212 8.12 19.35 1.23
C ALA A 212 8.96 19.98 2.36
N GLU A 213 8.99 19.36 3.54
CA GLU A 213 9.78 19.88 4.65
C GLU A 213 11.13 19.21 4.60
N SER A 214 12.19 19.95 4.98
CA SER A 214 13.55 19.44 4.82
C SER A 214 14.07 18.80 6.13
N THR A 215 14.98 17.83 5.98
CA THR A 215 15.56 17.13 7.12
C THR A 215 17.05 17.41 7.23
N LYS A 220 16.29 25.77 7.67
CA LYS A 220 15.57 26.57 6.70
C LYS A 220 14.06 26.42 6.90
N PRO A 221 13.43 27.47 7.45
CA PRO A 221 11.99 27.46 7.70
C PRO A 221 11.17 27.90 6.49
N ILE A 222 10.12 27.15 6.15
CA ILE A 222 9.32 27.45 4.96
C ILE A 222 7.87 27.69 5.31
N SER A 223 7.25 28.62 4.60
CA SER A 223 5.90 29.04 4.91
C SER A 223 4.89 27.94 4.67
N ILE A 224 3.71 28.11 5.25
CA ILE A 224 2.56 27.27 4.94
C ILE A 224 2.29 27.33 3.45
N GLU A 225 2.28 28.54 2.90
N GLU A 225 2.28 28.54 2.90
CA GLU A 225 1.91 28.73 1.49
CA GLU A 225 1.93 28.70 1.50
C GLU A 225 2.83 27.91 0.60
C GLU A 225 2.84 27.89 0.61
N GLU A 226 4.14 28.03 0.81
CA GLU A 226 5.11 27.31 -0.02
C GLU A 226 4.91 25.79 0.12
N GLU A 227 4.99 25.27 1.35
CA GLU A 227 4.73 23.85 1.60
C GLU A 227 3.46 23.34 0.90
N PHE A 228 2.33 23.99 1.15
CA PHE A 228 1.07 23.57 0.56
C PHE A 228 1.11 23.57 -0.97
N ASN A 229 1.63 24.64 -1.54
CA ASN A 229 1.72 24.75 -2.99
C ASN A 229 2.61 23.68 -3.61
N LYS A 230 3.73 23.35 -2.97
CA LYS A 230 4.54 22.22 -3.41
C LYS A 230 3.74 20.90 -3.38
N LEU A 231 3.04 20.64 -2.28
CA LEU A 231 2.23 19.42 -2.17
C LEU A 231 1.14 19.44 -3.21
N ASP A 232 0.36 20.51 -3.19
CA ASP A 232 -0.77 20.68 -4.10
C ASP A 232 -0.36 20.42 -5.56
N GLU A 233 0.83 20.92 -5.91
CA GLU A 233 1.35 20.84 -7.27
C GLU A 233 1.66 19.39 -7.65
N PHE A 234 2.41 18.68 -6.82
CA PHE A 234 2.66 17.26 -7.07
C PHE A 234 1.36 16.49 -7.16
N LEU A 235 0.41 16.80 -6.29
CA LEU A 235 -0.83 16.05 -6.26
C LEU A 235 -1.67 16.29 -7.51
N GLU A 236 -1.60 17.50 -8.07
CA GLU A 236 -2.31 17.80 -9.31
C GLU A 236 -1.69 16.98 -10.43
N TYR A 237 -0.39 16.87 -10.40
CA TYR A 237 0.32 16.09 -11.39
C TYR A 237 0.02 14.61 -11.23
N PHE A 238 -0.05 14.15 -9.99
CA PHE A 238 -0.40 12.76 -9.70
C PHE A 238 -1.77 12.49 -10.31
N LYS A 239 -2.74 13.36 -10.04
CA LYS A 239 -4.09 13.18 -10.57
C LYS A 239 -4.11 13.07 -12.10
N SER A 240 -3.34 13.92 -12.77
CA SER A 240 -3.29 13.90 -14.23
C SER A 240 -2.72 12.59 -14.77
N GLN A 241 -1.90 11.91 -13.96
CA GLN A 241 -1.26 10.66 -14.37
C GLN A 241 -1.92 9.40 -13.83
N LEU A 242 -2.89 9.56 -12.94
CA LEU A 242 -3.54 8.42 -12.28
C LEU A 242 -3.94 7.27 -13.21
N ALA A 243 -4.83 7.52 -14.17
CA ALA A 243 -5.43 6.48 -14.98
C ALA A 243 -4.45 5.56 -15.71
N ASN A 244 -3.31 6.11 -16.13
N ASN A 244 -3.32 6.12 -16.12
CA ASN A 244 -2.37 5.31 -16.92
CA ASN A 244 -2.35 5.34 -16.91
C ASN A 244 -1.15 4.80 -16.14
C ASN A 244 -1.26 4.66 -16.08
N LEU A 245 -1.05 5.14 -14.86
CA LEU A 245 0.01 4.58 -13.99
C LEU A 245 -0.12 3.07 -13.96
N ILE A 246 1.01 2.36 -14.04
CA ILE A 246 0.95 0.90 -14.02
C ILE A 246 0.53 0.39 -12.65
N TYR A 247 0.81 1.19 -11.63
CA TYR A 247 0.31 0.90 -10.29
C TYR A 247 0.07 2.23 -9.60
N LYS A 248 -1.12 2.39 -9.02
CA LYS A 248 -1.44 3.62 -8.32
C LYS A 248 -1.11 3.50 -6.83
N PRO A 249 0.04 4.05 -6.40
CA PRO A 249 0.42 3.93 -4.99
C PRO A 249 -0.54 4.67 -4.05
N LEU A 250 -0.69 4.11 -2.87
CA LEU A 250 -1.31 4.78 -1.75
C LEU A 250 -0.52 6.04 -1.45
N VAL A 251 -1.21 7.12 -1.07
CA VAL A 251 -0.53 8.40 -0.87
C VAL A 251 -0.50 8.80 0.61
N SER A 252 0.70 9.04 1.11
CA SER A 252 0.91 9.60 2.44
C SER A 252 1.47 11.03 2.38
N ILE A 253 0.86 11.95 3.13
CA ILE A 253 1.36 13.31 3.22
C ILE A 253 2.27 13.45 4.44
N ASP A 254 3.51 13.84 4.18
CA ASP A 254 4.56 13.92 5.19
C ASP A 254 4.75 15.38 5.64
N THR A 255 4.09 15.77 6.72
CA THR A 255 4.09 17.14 7.22
C THR A 255 3.84 17.17 8.72
N ARG A 256 4.19 18.28 9.37
N ARG A 256 4.22 18.27 9.36
CA ARG A 256 3.94 18.39 10.81
CA ARG A 256 4.02 18.44 10.80
C ARG A 256 2.95 19.49 11.13
C ARG A 256 3.05 19.56 11.14
N LYS A 257 2.64 20.30 10.12
CA LYS A 257 1.82 21.49 10.33
C LYS A 257 0.33 21.24 10.16
N LEU A 258 -0.43 21.50 11.22
CA LEU A 258 -1.87 21.33 11.15
C LEU A 258 -2.50 22.02 9.95
N GLU A 259 -2.09 23.25 9.67
N GLU A 259 -2.09 23.24 9.66
CA GLU A 259 -2.71 24.05 8.62
CA GLU A 259 -2.77 24.01 8.62
C GLU A 259 -2.50 23.39 7.25
C GLU A 259 -2.50 23.41 7.24
N VAL A 260 -1.31 22.85 7.03
CA VAL A 260 -1.01 22.15 5.79
C VAL A 260 -1.87 20.90 5.67
N MET A 261 -2.00 20.15 6.76
CA MET A 261 -2.83 18.97 6.80
C MET A 261 -4.24 19.33 6.38
N GLN A 262 -4.78 20.40 6.98
CA GLN A 262 -6.14 20.83 6.71
C GLN A 262 -6.36 21.24 5.27
N LYS A 263 -5.51 22.11 4.77
CA LYS A 263 -5.69 22.65 3.43
C LYS A 263 -5.59 21.55 2.37
N ILE A 264 -4.61 20.67 2.54
CA ILE A 264 -4.31 19.66 1.53
C ILE A 264 -5.39 18.58 1.51
N LEU A 265 -5.94 18.28 2.67
CA LEU A 265 -7.00 17.29 2.76
C LEU A 265 -8.27 17.86 2.16
N ALA A 266 -8.60 19.10 2.57
CA ALA A 266 -9.74 19.81 1.98
C ALA A 266 -9.75 19.73 0.44
N LYS A 267 -8.57 19.74 -0.17
CA LYS A 267 -8.47 19.79 -1.62
C LYS A 267 -8.24 18.44 -2.29
N HIS A 268 -7.59 17.51 -1.58
CA HIS A 268 -7.20 16.25 -2.22
C HIS A 268 -7.51 15.03 -1.40
N HIS A 269 -8.45 15.12 -0.46
CA HIS A 269 -8.71 13.99 0.42
C HIS A 269 -9.04 12.71 -0.33
N ASP A 270 -9.68 12.86 -1.49
N ASP A 270 -9.69 12.84 -1.49
CA ASP A 270 -10.15 11.72 -2.28
CA ASP A 270 -10.14 11.69 -2.24
C ASP A 270 -9.02 10.77 -2.64
C ASP A 270 -9.00 10.74 -2.59
N ILE A 271 -7.82 11.32 -2.83
CA ILE A 271 -6.68 10.54 -3.30
C ILE A 271 -5.62 10.31 -2.23
N ILE A 272 -5.86 10.84 -1.03
CA ILE A 272 -4.94 10.66 0.10
C ILE A 272 -5.36 9.48 1.00
N TRP A 273 -4.37 8.70 1.40
CA TRP A 273 -4.60 7.53 2.24
C TRP A 273 -4.22 7.79 3.68
N MET A 274 -3.10 8.49 3.88
CA MET A 274 -2.44 8.61 5.19
C MET A 274 -1.81 9.97 5.47
N ILE A 275 -1.88 10.38 6.74
CA ILE A 275 -1.09 11.53 7.20
C ILE A 275 0.06 11.01 8.07
N ASN A 276 1.29 11.33 7.66
CA ASN A 276 2.50 10.87 8.34
C ASN A 276 3.14 12.04 9.07
N ASP A 277 2.81 12.22 10.35
CA ASP A 277 3.21 13.43 11.11
C ASP A 277 4.70 13.43 11.48
N VAL A 278 5.38 14.52 11.16
CA VAL A 278 6.80 14.68 11.49
C VAL A 278 6.95 15.25 12.92
N GLU A 279 5.90 15.88 13.44
CA GLU A 279 5.97 16.33 14.81
C GLU A 279 4.57 16.52 15.39
N CYS A 280 4.23 15.72 16.39
CA CYS A 280 2.86 15.61 16.86
C CYS A 280 2.39 16.73 17.80
N ASN A 281 2.76 17.96 17.48
N ASN A 281 2.75 17.95 17.45
CA ASN A 281 2.19 19.13 18.12
CA ASN A 281 2.20 19.14 18.08
C ASN A 281 0.70 19.24 17.81
C ASN A 281 0.71 19.27 17.79
N ASN A 282 -0.02 19.86 18.72
CA ASN A 282 -1.48 20.02 18.61
C ASN A 282 -2.18 18.75 18.13
N ILE A 283 -1.96 17.68 18.88
CA ILE A 283 -2.57 16.41 18.59
C ILE A 283 -4.10 16.51 18.67
N GLU A 284 -4.62 17.41 19.50
CA GLU A 284 -6.07 17.54 19.64
C GLU A 284 -6.77 17.98 18.34
N GLN A 285 -6.26 19.01 17.69
CA GLN A 285 -6.87 19.51 16.46
C GLN A 285 -6.62 18.56 15.31
N LYS A 286 -5.42 17.97 15.31
CA LYS A 286 -5.08 16.97 14.31
C LYS A 286 -5.98 15.76 14.45
N ALA A 287 -6.27 15.35 15.68
CA ALA A 287 -7.15 14.20 15.90
C ALA A 287 -8.50 14.49 15.29
N GLN A 288 -8.99 15.70 15.53
CA GLN A 288 -10.29 16.08 15.03
C GLN A 288 -10.29 16.01 13.50
N LEU A 289 -9.16 16.36 12.89
CA LEU A 289 -9.03 16.38 11.44
C LEU A 289 -8.95 14.96 10.84
N ILE A 290 -8.16 14.08 11.45
CA ILE A 290 -8.07 12.68 11.04
C ILE A 290 -9.46 12.02 11.13
N ALA A 291 -10.20 12.32 12.19
CA ALA A 291 -11.55 11.79 12.34
C ALA A 291 -12.46 12.27 11.22
N LYS A 292 -12.32 13.53 10.84
CA LYS A 292 -13.16 14.15 9.82
C LYS A 292 -12.95 13.51 8.46
N TYR A 293 -11.69 13.18 8.14
CA TYR A 293 -11.36 12.65 6.82
C TYR A 293 -11.13 11.13 6.79
N ASN A 294 -11.14 10.51 7.96
CA ASN A 294 -10.95 9.08 8.08
C ASN A 294 -9.70 8.58 7.34
N LYS A 295 -8.53 9.11 7.70
CA LYS A 295 -7.28 8.66 7.08
C LYS A 295 -6.44 7.91 8.10
N LYS A 296 -5.44 7.17 7.62
CA LYS A 296 -4.43 6.62 8.51
C LYS A 296 -3.54 7.74 9.07
N TYR A 297 -3.03 7.54 10.27
CA TYR A 297 -2.22 8.58 10.92
C TYR A 297 -1.05 7.96 11.65
N VAL A 298 0.13 8.56 11.49
CA VAL A 298 1.36 8.08 12.08
C VAL A 298 1.84 9.00 13.20
N ILE A 299 1.84 8.47 14.42
CA ILE A 299 2.40 9.15 15.59
C ILE A 299 3.91 8.97 15.61
N ILE A 300 4.63 10.08 15.63
CA ILE A 300 6.10 10.01 15.70
C ILE A 300 6.63 10.52 17.05
N HIS A 301 7.72 9.93 17.54
CA HIS A 301 8.36 10.39 18.76
C HIS A 301 9.35 11.51 18.42
N ASN A 302 8.82 12.72 18.27
CA ASN A 302 9.65 13.90 18.02
C ASN A 302 9.31 15.00 19.02
N LEU A 303 10.08 15.06 20.10
CA LEU A 303 9.76 15.97 21.20
C LEU A 303 10.34 17.34 20.92
N GLY A 304 11.04 17.48 19.80
CA GLY A 304 11.54 18.80 19.41
C GLY A 304 12.65 19.21 20.33
N ILE A 305 13.48 18.24 20.70
CA ILE A 305 14.69 18.51 21.50
C ILE A 305 15.78 19.22 20.71
N THR A 306 16.14 20.41 21.17
CA THR A 306 17.11 21.23 20.44
C THR A 306 18.51 21.17 21.06
N ASP A 307 18.61 20.68 22.30
CA ASP A 307 19.91 20.52 22.95
C ASP A 307 20.40 19.06 22.91
N ARG A 308 21.57 18.87 22.31
N ARG A 308 21.57 18.84 22.32
CA ARG A 308 22.12 17.53 22.12
CA ARG A 308 22.13 17.50 22.13
C ARG A 308 22.46 16.81 23.43
C ARG A 308 22.47 16.79 23.44
N ASN A 309 22.77 17.58 24.46
CA ASN A 309 23.06 17.01 25.78
C ASN A 309 21.83 16.34 26.38
N GLN A 310 20.65 16.79 25.93
CA GLN A 310 19.38 16.27 26.42
C GLN A 310 18.76 15.19 25.54
N TYR A 311 19.56 14.61 24.65
CA TYR A 311 19.07 13.53 23.80
C TYR A 311 18.82 12.27 24.60
N LEU A 312 17.96 11.40 24.10
CA LEU A 312 17.53 10.22 24.85
C LEU A 312 18.67 9.20 24.91
N ASP A 313 18.98 8.74 26.12
CA ASP A 313 19.86 7.59 26.30
C ASP A 313 19.05 6.32 26.03
N LYS A 314 19.72 5.17 25.95
CA LYS A 314 19.06 3.91 25.56
C LYS A 314 18.35 3.20 26.71
N GLU A 315 18.83 3.41 27.93
CA GLU A 315 18.36 2.59 29.04
C GLU A 315 16.93 2.89 29.45
N ASN A 316 16.48 4.11 29.20
CA ASN A 316 15.09 4.44 29.50
C ASN A 316 14.31 4.82 28.24
N ALA A 317 14.88 4.52 27.08
CA ALA A 317 14.33 4.94 25.80
C ALA A 317 12.97 4.32 25.49
N ILE A 318 12.83 3.04 25.81
CA ILE A 318 11.59 2.36 25.50
C ILE A 318 10.44 2.94 26.32
N ASP A 319 10.67 3.19 27.62
CA ASP A 319 9.63 3.83 28.42
C ASP A 319 9.39 5.26 27.90
N ASN A 320 10.44 6.00 27.56
CA ASN A 320 10.27 7.38 27.08
C ASN A 320 9.44 7.42 25.79
N VAL A 321 9.76 6.52 24.86
CA VAL A 321 9.06 6.44 23.59
C VAL A 321 7.60 6.04 23.79
N CYS A 322 7.38 4.88 24.42
CA CYS A 322 6.03 4.37 24.62
C CYS A 322 5.15 5.29 25.44
N ASP A 323 5.69 5.90 26.51
CA ASP A 323 4.89 6.80 27.32
C ASP A 323 4.30 7.89 26.45
N TYR A 324 5.12 8.45 25.58
CA TYR A 324 4.76 9.60 24.75
C TYR A 324 3.73 9.23 23.68
N ILE A 325 4.02 8.15 22.97
CA ILE A 325 3.14 7.69 21.91
C ILE A 325 1.79 7.21 22.46
N GLU A 326 1.82 6.51 23.58
CA GLU A 326 0.60 6.06 24.23
C GLU A 326 -0.28 7.24 24.54
N GLN A 327 0.33 8.31 25.05
CA GLN A 327 -0.39 9.51 25.42
C GLN A 327 -1.05 10.15 24.20
N LYS A 328 -0.33 10.16 23.09
CA LYS A 328 -0.86 10.68 21.84
C LYS A 328 -1.89 9.70 21.29
N LYS A 329 -1.64 8.41 21.45
CA LYS A 329 -2.60 7.40 20.98
C LYS A 329 -3.94 7.61 21.64
N GLN A 330 -3.95 7.73 22.98
CA GLN A 330 -5.21 7.86 23.71
C GLN A 330 -5.99 9.09 23.25
N ILE A 331 -5.31 10.18 22.92
CA ILE A 331 -6.01 11.37 22.47
C ILE A 331 -6.73 11.09 21.16
N LEU A 332 -6.06 10.34 20.28
CA LEU A 332 -6.64 9.98 19.00
C LEU A 332 -7.85 9.11 19.24
N LEU A 333 -7.70 8.10 20.08
CA LEU A 333 -8.82 7.21 20.41
C LEU A 333 -10.01 7.97 20.99
N LYS A 334 -9.74 8.96 21.83
CA LYS A 334 -10.81 9.70 22.48
C LYS A 334 -11.57 10.57 21.47
N HIS A 335 -11.06 10.67 20.24
CA HIS A 335 -11.76 11.36 19.16
C HIS A 335 -12.44 10.41 18.16
N GLY A 336 -12.64 9.16 18.59
CA GLY A 336 -13.40 8.21 17.82
C GLY A 336 -12.59 7.46 16.76
N ILE A 337 -11.31 7.80 16.66
CA ILE A 337 -10.45 7.22 15.64
C ILE A 337 -10.17 5.76 15.98
N ALA A 338 -10.30 4.91 14.98
CA ALA A 338 -10.12 3.47 15.12
C ALA A 338 -8.63 3.16 15.29
N GLN A 339 -8.31 2.42 16.35
CA GLN A 339 -6.93 2.09 16.65
C GLN A 339 -6.19 1.47 15.46
N GLN A 340 -6.92 0.76 14.60
CA GLN A 340 -6.28 0.06 13.50
C GLN A 340 -5.83 1.03 12.41
N ASN A 341 -6.31 2.27 12.48
CA ASN A 341 -5.87 3.33 11.59
C ASN A 341 -4.68 4.17 12.06
N ILE A 342 -4.10 3.78 13.19
CA ILE A 342 -2.99 4.53 13.76
C ILE A 342 -1.72 3.71 13.73
N TYR A 343 -0.63 4.32 13.27
CA TYR A 343 0.69 3.69 13.23
C TYR A 343 1.62 4.48 14.17
N PHE A 344 2.71 3.86 14.62
CA PHE A 344 3.75 4.59 15.38
C PHE A 344 5.07 4.62 14.60
N ASP A 345 5.91 5.60 14.92
CA ASP A 345 7.19 5.76 14.27
C ASP A 345 8.20 6.24 15.31
N ILE A 346 9.25 5.44 15.54
CA ILE A 346 10.27 5.72 16.55
C ILE A 346 10.88 7.12 16.37
N GLY A 347 11.04 7.51 15.11
CA GLY A 347 11.66 8.78 14.78
C GLY A 347 13.13 8.79 15.20
N PHE A 348 13.93 7.97 14.51
CA PHE A 348 15.35 7.80 14.86
C PHE A 348 16.18 9.08 14.80
N GLY A 349 15.78 9.99 13.92
CA GLY A 349 16.57 11.16 13.62
C GLY A 349 16.21 12.32 14.54
N PHE A 350 15.35 12.05 15.52
CA PHE A 350 14.89 13.11 16.41
C PHE A 350 15.23 12.81 17.87
N GLY A 351 16.15 13.61 18.43
CA GLY A 351 16.36 13.66 19.86
C GLY A 351 16.90 12.38 20.47
N LYS A 352 17.54 11.54 19.67
CA LYS A 352 18.05 10.26 20.15
C LYS A 352 19.52 10.10 19.83
N LYS A 353 20.30 9.61 20.79
CA LYS A 353 21.70 9.34 20.53
C LYS A 353 21.84 8.10 19.66
N SER A 354 23.01 7.93 19.06
CA SER A 354 23.22 6.89 18.06
C SER A 354 22.91 5.51 18.62
N ASP A 355 23.45 5.23 19.80
CA ASP A 355 23.26 3.93 20.40
C ASP A 355 21.80 3.73 20.83
N THR A 356 21.11 4.83 21.08
CA THR A 356 19.70 4.78 21.41
C THR A 356 18.86 4.39 20.18
N ALA A 357 19.13 5.04 19.04
CA ALA A 357 18.42 4.70 17.82
C ALA A 357 18.60 3.22 17.52
N ARG A 358 19.86 2.81 17.41
CA ARG A 358 20.21 1.40 17.21
C ARG A 358 19.46 0.52 18.21
N TYR A 359 19.33 0.97 19.46
CA TYR A 359 18.73 0.14 20.49
C TYR A 359 17.23 0.03 20.31
N LEU A 360 16.60 1.15 19.98
CA LEU A 360 15.16 1.15 19.75
C LEU A 360 14.80 0.25 18.56
N LEU A 361 15.66 0.28 17.54
CA LEU A 361 15.46 -0.55 16.36
C LEU A 361 15.56 -2.05 16.65
N GLU A 362 16.55 -2.43 17.47
CA GLU A 362 16.76 -3.83 17.82
C GLU A 362 15.61 -4.38 18.65
N ASN A 363 14.89 -3.49 19.33
CA ASN A 363 13.82 -3.90 20.22
C ASN A 363 12.45 -3.51 19.69
N ILE A 364 12.37 -3.30 18.39
CA ILE A 364 11.16 -2.80 17.70
C ILE A 364 9.91 -3.67 17.95
N ILE A 365 10.10 -4.98 18.03
CA ILE A 365 8.97 -5.87 18.21
C ILE A 365 8.34 -5.68 19.58
N GLU A 366 9.17 -5.59 20.60
CA GLU A 366 8.68 -5.30 21.95
C GLU A 366 7.85 -4.00 21.96
N ILE A 367 8.31 -3.00 21.23
CA ILE A 367 7.64 -1.68 21.21
C ILE A 367 6.28 -1.77 20.54
N LYS A 368 6.23 -2.43 19.37
CA LYS A 368 4.97 -2.63 18.68
C LYS A 368 3.97 -3.36 19.58
N ARG A 369 4.48 -4.36 20.27
CA ARG A 369 3.65 -5.20 21.13
C ARG A 369 3.05 -4.40 22.28
N ARG A 370 3.90 -3.60 22.92
CA ARG A 370 3.47 -2.79 24.05
C ARG A 370 2.51 -1.69 23.61
N LEU A 371 2.82 -1.05 22.49
CA LEU A 371 1.97 0.01 21.95
C LEU A 371 0.66 -0.50 21.34
N GLU A 372 0.66 -1.74 20.85
CA GLU A 372 -0.51 -2.28 20.14
C GLU A 372 -0.91 -1.38 18.97
N LEU A 373 0.10 -0.90 18.26
CA LEU A 373 -0.10 -0.12 17.05
C LEU A 373 0.82 -0.68 15.99
N LYS A 374 0.47 -0.55 14.72
CA LYS A 374 1.36 -0.98 13.64
C LYS A 374 2.55 -0.03 13.54
N ALA A 375 3.66 -0.55 13.02
CA ALA A 375 4.92 0.17 12.97
C ALA A 375 5.27 0.70 11.58
N LEU A 376 5.74 1.94 11.55
CA LEU A 376 6.35 2.53 10.36
C LEU A 376 7.82 2.76 10.73
N VAL A 377 8.73 2.12 10.00
CA VAL A 377 10.15 2.15 10.34
C VAL A 377 10.90 2.95 9.27
N GLY A 378 11.51 4.06 9.69
CA GLY A 378 12.21 4.95 8.77
C GLY A 378 13.70 4.83 8.98
N HIS A 379 14.28 3.75 8.47
CA HIS A 379 15.68 3.44 8.70
C HIS A 379 16.54 3.86 7.55
N SER A 380 15.94 4.22 6.42
CA SER A 380 16.73 4.37 5.20
C SER A 380 17.79 5.47 5.24
N ARG A 381 19.03 5.07 5.00
CA ARG A 381 20.18 5.99 4.93
C ARG A 381 20.53 6.69 6.25
N LYS A 382 20.07 6.14 7.38
CA LYS A 382 20.43 6.68 8.68
C LYS A 382 21.56 5.85 9.27
N PRO A 383 22.78 6.42 9.26
CA PRO A 383 23.96 5.66 9.69
C PRO A 383 23.78 5.06 11.08
N SER A 384 23.21 5.83 11.99
CA SER A 384 23.05 5.39 13.37
C SER A 384 22.24 4.11 13.42
N VAL A 385 21.16 4.06 12.65
CA VAL A 385 20.23 2.94 12.68
C VAL A 385 20.86 1.73 12.01
N LEU A 386 21.58 2.01 10.93
CA LEU A 386 22.22 0.99 10.12
C LEU A 386 23.52 0.50 10.75
N GLY A 387 23.91 1.10 11.87
CA GLY A 387 25.12 0.69 12.57
C GLY A 387 26.34 1.04 11.75
N LEU A 388 26.23 2.09 10.94
CA LEU A 388 27.30 2.48 10.04
C LEU A 388 27.98 3.76 10.49
N ALA A 389 29.09 4.08 9.86
CA ALA A 389 29.76 5.35 10.10
C ALA A 389 28.95 6.47 9.47
N LYS A 390 28.76 7.55 10.22
CA LYS A 390 28.00 8.69 9.75
C LYS A 390 28.50 9.20 8.39
N ASP A 391 29.80 9.14 8.15
CA ASP A 391 30.38 9.61 6.88
C ASP A 391 30.40 8.51 5.82
N SER A 392 29.41 7.64 5.85
CA SER A 392 29.35 6.56 4.88
C SER A 392 28.82 7.05 3.54
N ASN A 393 29.31 6.47 2.46
CA ASN A 393 28.85 6.87 1.13
C ASN A 393 27.43 6.36 0.85
N LEU A 394 26.75 7.03 -0.07
CA LEU A 394 25.40 6.68 -0.45
C LEU A 394 25.28 5.20 -0.79
N ALA A 395 26.31 4.66 -1.45
CA ALA A 395 26.32 3.27 -1.88
C ALA A 395 26.24 2.31 -0.70
N THR A 396 27.01 2.60 0.34
CA THR A 396 27.08 1.74 1.51
C THR A 396 25.83 1.93 2.36
N LEU A 397 25.24 3.12 2.30
CA LEU A 397 23.97 3.37 2.98
C LEU A 397 22.82 2.56 2.37
N ASP A 398 22.71 2.58 1.06
CA ASP A 398 21.61 1.87 0.39
C ASP A 398 21.78 0.34 0.49
N ARG A 399 23.02 -0.13 0.45
CA ARG A 399 23.28 -1.55 0.63
C ARG A 399 22.94 -2.00 2.06
N ALA A 400 23.25 -1.17 3.05
CA ALA A 400 22.89 -1.49 4.43
C ALA A 400 21.38 -1.36 4.63
N THR A 401 20.78 -0.36 3.99
CA THR A 401 19.34 -0.16 4.06
C THR A 401 18.59 -1.40 3.51
N ARG A 402 18.97 -1.88 2.31
CA ARG A 402 18.34 -3.07 1.72
C ARG A 402 18.43 -4.27 2.65
N GLU A 403 19.60 -4.47 3.25
N GLU A 403 19.60 -4.49 3.25
CA GLU A 403 19.84 -5.59 4.16
CA GLU A 403 19.78 -5.64 4.15
C GLU A 403 18.93 -5.52 5.39
C GLU A 403 18.89 -5.52 5.38
N LEU A 404 18.85 -4.35 6.01
CA LEU A 404 17.95 -4.14 7.12
C LEU A 404 16.50 -4.32 6.65
N SER A 405 16.18 -3.78 5.48
CA SER A 405 14.84 -3.90 4.94
C SER A 405 14.39 -5.37 4.88
N ARG A 406 15.28 -6.24 4.39
N ARG A 406 15.29 -6.23 4.39
CA ARG A 406 15.00 -7.67 4.36
CA ARG A 406 15.02 -7.66 4.35
C ARG A 406 14.61 -8.20 5.74
C ARG A 406 14.65 -8.21 5.73
N LYS A 407 15.36 -7.78 6.76
CA LYS A 407 15.12 -8.27 8.12
C LYS A 407 13.78 -7.79 8.67
N LEU A 408 13.47 -6.51 8.47
CA LEU A 408 12.21 -5.97 8.92
C LEU A 408 11.04 -6.62 8.17
N GLU A 409 11.23 -6.85 6.88
CA GLU A 409 10.20 -7.55 6.11
C GLU A 409 9.85 -8.91 6.72
N LYS A 410 10.87 -9.67 7.10
CA LYS A 410 10.71 -10.96 7.78
C LYS A 410 10.06 -10.85 9.15
N LEU A 411 10.20 -9.69 9.78
CA LEU A 411 9.59 -9.43 11.08
C LEU A 411 8.16 -8.97 10.96
N ASP A 412 7.73 -8.76 9.72
CA ASP A 412 6.36 -8.37 9.46
C ASP A 412 6.14 -6.97 9.99
N ILE A 413 7.18 -6.16 9.90
CA ILE A 413 7.06 -4.75 10.23
C ILE A 413 6.09 -4.21 9.20
N ASP A 414 5.19 -3.33 9.60
CA ASP A 414 4.04 -3.03 8.77
C ASP A 414 4.35 -2.13 7.59
N ILE A 415 5.11 -1.07 7.85
CA ILE A 415 5.56 -0.17 6.79
C ILE A 415 7.04 0.14 6.98
N ILE A 416 7.82 0.07 5.90
CA ILE A 416 9.18 0.57 5.94
C ILE A 416 9.34 1.72 4.96
N ARG A 417 9.92 2.82 5.43
CA ARG A 417 10.07 4.03 4.64
C ARG A 417 11.50 4.11 4.09
N VAL A 418 11.61 4.04 2.77
CA VAL A 418 12.90 3.87 2.12
C VAL A 418 13.10 4.82 0.92
N HIS A 419 14.34 5.16 0.61
CA HIS A 419 14.61 6.08 -0.50
C HIS A 419 14.54 5.29 -1.80
N LYS A 420 14.98 4.04 -1.73
CA LYS A 420 14.98 3.14 -2.87
C LYS A 420 14.50 1.76 -2.45
N ILE A 421 13.92 1.02 -3.38
CA ILE A 421 13.47 -0.33 -3.07
C ILE A 421 14.57 -1.26 -3.52
#